data_9RM4
#
_entry.id   9RM4
#
_cell.length_a   42.420
_cell.length_b   42.420
_cell.length_c   215.960
_cell.angle_alpha   90.000
_cell.angle_beta   90.000
_cell.angle_gamma   90.000
#
_symmetry.space_group_name_H-M   'P 43 2 2'
#
loop_
_entity.id
_entity.type
_entity.pdbx_description
1 polymer 'Serine protease subunit NS2B,Serine protease NS3'
2 non-polymer ~{N}-[3-chloranyl-5-[(2-methyl-1-oxidanyl-propan-2-yl)carbamoyl]phenyl]-5-[(dimethylamino)methyl]-1~{H}-pyrrole-2-carboxamide
3 non-polymer 'SODIUM ION'
4 water water
#
_entity_poly.entity_id   1
_entity_poly.type   'polypeptide(L)'
_entity_poly.pdbx_seq_one_letter_code
;SMGKSVDMYIERAGDITWEKDAEVTGNSPRLDVALDESGDFSLVEEMKEVKKGETTDGVYRVMTRRLLGSTQVGVGVMQE
GVFHTMWHVTKGAALRSGEGRLDPYWGDVKQDLVSYCGPWKLDAAWDGLSEVQLLAVPPGERAKNIQTLPGIFKTKDGDI
GAVALDYPAGTSGSPILDKCGRVIGLYGNGVVIKNGSYVSAITQGKREEETPVE
;
_entity_poly.pdbx_strand_id   AAA,BBB
#
# COMPACT_ATOMS: atom_id res chain seq x y z
N VAL A 6 4.24 0.12 23.57
CA VAL A 6 4.09 0.09 22.07
C VAL A 6 2.63 0.41 21.69
N ASP A 7 2.40 1.57 21.08
CA ASP A 7 1.06 2.14 20.80
C ASP A 7 0.34 1.34 19.70
N MET A 8 1.10 0.84 18.72
CA MET A 8 0.56 0.37 17.42
C MET A 8 0.52 -1.15 17.38
N TYR A 9 -0.49 -1.71 16.70
CA TYR A 9 -0.69 -3.17 16.60
C TYR A 9 -1.39 -3.50 15.29
N ILE A 10 -1.25 -4.77 14.88
CA ILE A 10 -1.77 -5.29 13.59
C ILE A 10 -2.89 -6.33 13.85
N GLU A 11 -3.86 -6.34 12.94
CA GLU A 11 -5.05 -7.22 12.91
C GLU A 11 -5.19 -7.79 11.50
N ARG A 12 -5.28 -9.10 11.35
CA ARG A 12 -5.41 -9.76 10.03
C ARG A 12 -6.72 -9.30 9.39
N ALA A 13 -6.70 -8.93 8.12
CA ALA A 13 -7.92 -8.45 7.43
C ALA A 13 -8.29 -9.33 6.24
N GLY A 14 -7.42 -10.20 5.73
CA GLY A 14 -7.78 -11.09 4.59
C GLY A 14 -6.62 -11.85 4.01
N ASP A 15 -6.90 -12.77 3.09
CA ASP A 15 -5.90 -13.47 2.24
C ASP A 15 -5.57 -12.56 1.05
N ILE A 16 -4.40 -12.73 0.46
CA ILE A 16 -4.03 -11.95 -0.75
C ILE A 16 -4.28 -12.84 -1.95
N THR A 17 -5.44 -12.63 -2.59
CA THR A 17 -5.95 -13.43 -3.74
CA THR A 17 -5.92 -13.44 -3.74
C THR A 17 -6.57 -12.50 -4.78
N TRP A 18 -6.38 -12.80 -6.05
CA TRP A 18 -7.14 -12.20 -7.17
C TRP A 18 -8.57 -12.73 -7.06
N GLU A 19 -9.59 -11.87 -7.08
CA GLU A 19 -11.02 -12.33 -7.05
C GLU A 19 -11.58 -12.23 -8.46
N LYS A 20 -11.79 -13.35 -9.15
CA LYS A 20 -12.43 -13.35 -10.50
C LYS A 20 -13.74 -12.58 -10.37
N ASP A 21 -14.07 -11.73 -11.33
CA ASP A 21 -15.37 -11.00 -11.31
C ASP A 21 -15.38 -10.12 -10.04
N ALA A 22 -14.32 -9.34 -9.84
CA ALA A 22 -14.26 -8.16 -8.95
C ALA A 22 -14.83 -6.90 -9.66
N GLU A 23 -15.40 -5.99 -8.82
CA GLU A 23 -15.91 -4.65 -9.26
C GLU A 23 -14.78 -3.94 -10.02
N VAL A 24 -15.00 -3.60 -11.29
CA VAL A 24 -14.00 -2.94 -12.19
C VAL A 24 -14.37 -1.45 -12.27
N THR A 25 -13.53 -0.55 -11.73
CA THR A 25 -13.70 0.93 -11.83
C THR A 25 -12.34 1.64 -11.77
N GLY A 26 -12.35 2.97 -11.61
CA GLY A 26 -11.20 3.88 -11.68
C GLY A 26 -10.77 4.20 -13.11
N ASN A 27 -10.28 5.42 -13.34
CA ASN A 27 -9.66 5.86 -14.63
C ASN A 27 -8.14 5.60 -14.58
N SER A 28 -7.39 6.06 -15.60
CA SER A 28 -5.97 5.69 -15.87
C SER A 28 -5.19 6.92 -16.31
N PRO A 29 -5.08 7.96 -15.47
CA PRO A 29 -4.52 9.22 -15.96
C PRO A 29 -3.00 9.08 -16.18
N ARG A 30 -2.47 9.72 -17.23
CA ARG A 30 -1.01 9.90 -17.45
C ARG A 30 -0.64 11.28 -16.87
N LEU A 31 0.09 11.32 -15.75
CA LEU A 31 0.36 12.57 -15.00
C LEU A 31 1.87 12.83 -14.97
N ASP A 32 2.26 14.10 -15.11
CA ASP A 32 3.66 14.58 -14.97
C ASP A 32 3.90 14.90 -13.49
N VAL A 33 4.78 14.17 -12.79
CA VAL A 33 4.95 14.39 -11.33
C VAL A 33 6.43 14.53 -10.95
N ALA A 34 6.67 15.21 -9.82
CA ALA A 34 7.97 15.30 -9.11
C ALA A 34 7.87 14.55 -7.77
N LEU A 35 8.99 13.93 -7.36
CA LEU A 35 9.17 13.26 -6.05
C LEU A 35 10.28 14.01 -5.30
N ASP A 36 9.94 14.71 -4.21
CA ASP A 36 10.89 15.50 -3.39
C ASP A 36 11.62 14.55 -2.42
N GLU A 37 12.62 15.06 -1.72
CA GLU A 37 13.49 14.26 -0.84
C GLU A 37 12.68 13.71 0.34
N SER A 38 11.57 14.38 0.69
CA SER A 38 10.63 13.98 1.77
C SER A 38 9.67 12.88 1.31
N GLY A 39 9.70 12.47 0.04
CA GLY A 39 8.80 11.39 -0.45
C GLY A 39 7.40 11.91 -0.80
N ASP A 40 7.25 13.23 -0.97
CA ASP A 40 5.98 13.84 -1.46
C ASP A 40 5.97 13.83 -3.00
N PHE A 41 4.89 13.30 -3.58
CA PHE A 41 4.59 13.44 -5.02
C PHE A 41 3.87 14.77 -5.22
N SER A 42 4.15 15.47 -6.32
CA SER A 42 3.38 16.67 -6.77
C SER A 42 3.27 16.72 -8.31
N LEU A 43 2.27 17.44 -8.85
CA LEU A 43 1.91 17.45 -10.29
C LEU A 43 2.95 18.18 -11.16
N THR B 55 1.91 -13.85 12.37
CA THR B 55 2.97 -13.97 11.34
C THR B 55 2.46 -14.72 10.10
N THR B 56 1.22 -15.20 10.08
CA THR B 56 0.60 -15.78 8.86
C THR B 56 0.67 -14.77 7.71
N ASP B 57 0.96 -15.26 6.50
CA ASP B 57 0.82 -14.53 5.22
C ASP B 57 -0.58 -13.90 5.17
N GLY B 58 -0.70 -12.67 4.67
CA GLY B 58 -1.97 -11.99 4.43
C GLY B 58 -1.89 -10.48 4.53
N VAL B 59 -3.05 -9.83 4.41
CA VAL B 59 -3.19 -8.35 4.54
C VAL B 59 -3.68 -8.07 5.96
N TYR B 60 -3.18 -6.99 6.55
CA TYR B 60 -3.38 -6.61 7.97
C TYR B 60 -3.76 -5.15 8.09
N ARG B 61 -4.61 -4.84 9.05
CA ARG B 61 -4.82 -3.45 9.48
C ARG B 61 -3.72 -3.05 10.44
N VAL B 62 -3.28 -1.80 10.36
CA VAL B 62 -2.39 -1.16 11.36
C VAL B 62 -3.24 -0.20 12.17
N MET B 63 -3.29 -0.41 13.49
CA MET B 63 -4.20 0.24 14.45
C MET B 63 -3.40 0.99 15.52
N THR B 64 -3.95 2.10 16.04
CA THR B 64 -3.37 2.79 17.21
C THR B 64 -4.45 3.11 18.24
N ARG B 65 -4.06 3.09 19.51
CA ARG B 65 -4.94 3.41 20.65
C ARG B 65 -4.52 4.75 21.27
N ARG B 66 -3.66 5.52 20.60
CA ARG B 66 -3.13 6.80 21.13
C ARG B 66 -4.22 7.87 20.99
N LEU B 67 -4.92 7.91 19.85
CA LEU B 67 -6.06 8.83 19.60
C LEU B 67 -7.31 8.25 20.27
N LEU B 68 -8.47 8.87 20.02
CA LEU B 68 -9.81 8.40 20.47
C LEU B 68 -10.07 6.98 19.98
N GLY B 69 -10.67 6.13 20.83
CA GLY B 69 -10.96 4.70 20.57
C GLY B 69 -9.80 4.00 19.87
N SER B 70 -10.11 3.08 18.96
CA SER B 70 -9.11 2.38 18.13
C SER B 70 -9.21 2.94 16.73
N THR B 71 -8.10 3.46 16.20
CA THR B 71 -8.05 4.22 14.94
C THR B 71 -7.18 3.44 13.96
N GLN B 72 -7.63 3.29 12.72
CA GLN B 72 -6.83 2.58 11.69
C GLN B 72 -5.95 3.62 10.97
N VAL B 73 -4.63 3.52 11.15
CA VAL B 73 -3.65 4.46 10.55
C VAL B 73 -3.25 3.95 9.16
N GLY B 74 -3.36 2.64 8.92
CA GLY B 74 -2.99 2.10 7.60
C GLY B 74 -3.12 0.58 7.54
N VAL B 75 -2.47 0.02 6.54
CA VAL B 75 -2.57 -1.40 6.11
C VAL B 75 -1.15 -1.91 5.78
N GLY B 76 -0.93 -3.20 5.92
CA GLY B 76 0.31 -3.83 5.45
C GLY B 76 0.13 -5.25 4.98
N VAL B 77 1.25 -5.82 4.52
CA VAL B 77 1.34 -7.18 3.95
C VAL B 77 2.34 -7.97 4.75
N MET B 78 1.92 -9.14 5.21
CA MET B 78 2.83 -10.14 5.80
C MET B 78 3.13 -11.14 4.69
N GLN B 79 4.40 -11.31 4.32
CA GLN B 79 4.88 -12.34 3.36
C GLN B 79 6.30 -12.73 3.73
N GLU B 80 6.56 -14.03 3.75
CA GLU B 80 7.87 -14.66 4.06
C GLU B 80 8.38 -14.20 5.44
N GLY B 81 7.49 -14.04 6.43
CA GLY B 81 7.86 -13.68 7.80
C GLY B 81 8.17 -12.19 7.96
N VAL B 82 7.96 -11.38 6.92
CA VAL B 82 8.26 -9.92 6.90
C VAL B 82 6.95 -9.17 6.75
N PHE B 83 6.74 -8.15 7.58
CA PHE B 83 5.64 -7.18 7.47
C PHE B 83 6.09 -5.94 6.70
N HIS B 84 5.31 -5.58 5.69
CA HIS B 84 5.55 -4.52 4.69
C HIS B 84 4.47 -3.44 4.83
N THR B 85 4.84 -2.19 5.03
CA THR B 85 3.85 -1.08 4.98
C THR B 85 4.55 0.18 4.51
N MET B 86 3.85 1.31 4.58
CA MET B 86 4.37 2.59 4.13
C MET B 86 4.99 3.29 5.34
N TRP B 87 6.15 3.93 5.14
CA TRP B 87 6.88 4.59 6.25
CA TRP B 87 6.89 4.61 6.24
C TRP B 87 5.93 5.55 7.00
N HIS B 88 5.14 6.34 6.28
CA HIS B 88 4.28 7.37 6.95
C HIS B 88 3.16 6.77 7.81
N VAL B 89 2.78 5.50 7.62
CA VAL B 89 1.79 4.80 8.49
C VAL B 89 2.37 4.61 9.90
N THR B 90 3.60 4.09 10.04
CA THR B 90 4.18 3.74 11.37
C THR B 90 5.24 4.75 11.82
N LYS B 91 5.77 5.57 10.90
CA LYS B 91 6.99 6.41 11.09
C LYS B 91 8.12 5.58 11.70
N GLY B 92 8.19 4.28 11.42
CA GLY B 92 9.30 3.44 11.88
C GLY B 92 9.12 2.92 13.29
N ALA B 93 7.93 3.09 13.88
CA ALA B 93 7.70 2.65 15.27
C ALA B 93 7.57 1.12 15.30
N ALA B 94 7.92 0.49 16.43
CA ALA B 94 7.61 -0.93 16.77
C ALA B 94 6.09 -1.17 16.72
N LEU B 95 5.70 -2.42 16.44
CA LEU B 95 4.29 -2.89 16.29
C LEU B 95 4.05 -4.09 17.19
N ARG B 96 2.83 -4.19 17.73
CA ARG B 96 2.39 -5.31 18.58
C ARG B 96 1.64 -6.28 17.65
N SER B 97 1.82 -7.57 17.85
CA SER B 97 1.08 -8.64 17.12
C SER B 97 0.79 -9.76 18.11
N GLY B 98 -0.48 -9.87 18.55
CA GLY B 98 -0.85 -10.64 19.75
C GLY B 98 0.03 -10.25 20.93
N GLU B 99 0.86 -11.18 21.39
CA GLU B 99 1.84 -11.00 22.50
C GLU B 99 3.21 -10.69 21.90
N GLY B 100 3.37 -10.92 20.59
CA GLY B 100 4.58 -10.69 19.80
C GLY B 100 4.82 -9.21 19.56
N ARG B 101 6.07 -8.85 19.26
CA ARG B 101 6.48 -7.49 18.89
C ARG B 101 7.22 -7.57 17.55
N LEU B 102 6.98 -6.63 16.64
CA LEU B 102 7.69 -6.56 15.34
C LEU B 102 8.59 -5.33 15.38
N ASP B 103 9.87 -5.50 15.05
CA ASP B 103 10.82 -4.35 15.04
C ASP B 103 11.14 -3.98 13.60
N PRO B 104 11.33 -2.68 13.32
CA PRO B 104 11.66 -2.24 11.96
C PRO B 104 13.07 -2.76 11.60
N TYR B 105 13.25 -3.20 10.36
CA TYR B 105 14.48 -3.82 9.81
C TYR B 105 15.08 -2.89 8.74
N TRP B 106 14.25 -2.37 7.84
CA TRP B 106 14.68 -1.48 6.72
C TRP B 106 13.62 -0.40 6.50
N GLY B 107 14.04 0.82 6.15
CA GLY B 107 13.08 1.88 5.75
C GLY B 107 13.72 2.98 4.95
N ASP B 108 12.90 3.74 4.23
CA ASP B 108 13.31 4.89 3.38
C ASP B 108 12.15 5.88 3.24
N VAL B 109 12.23 7.05 3.86
CA VAL B 109 11.20 8.13 3.80
C VAL B 109 10.88 8.49 2.34
N LYS B 110 11.89 8.54 1.46
CA LYS B 110 11.72 9.01 0.06
C LYS B 110 10.88 7.99 -0.72
N GLN B 111 11.12 6.69 -0.53
CA GLN B 111 10.27 5.62 -1.13
C GLN B 111 8.98 5.48 -0.33
N ASP B 112 8.99 5.94 0.93
CA ASP B 112 7.84 5.86 1.86
C ASP B 112 7.52 4.39 2.11
N LEU B 113 8.54 3.55 2.29
CA LEU B 113 8.34 2.10 2.62
C LEU B 113 9.09 1.76 3.90
N VAL B 114 8.61 0.72 4.57
CA VAL B 114 9.29 0.15 5.76
C VAL B 114 9.00 -1.36 5.80
N SER B 115 9.97 -2.16 6.24
CA SER B 115 9.83 -3.60 6.44
C SER B 115 10.20 -3.94 7.88
N TYR B 116 9.53 -4.95 8.45
CA TYR B 116 9.65 -5.43 9.84
C TYR B 116 10.04 -6.90 9.83
N CYS B 117 11.01 -7.26 10.69
CA CYS B 117 11.57 -8.61 11.00
C CYS B 117 12.45 -9.14 9.88
N GLY B 118 12.67 -8.38 8.81
CA GLY B 118 13.56 -8.84 7.73
C GLY B 118 13.54 -7.84 6.59
N PRO B 119 14.31 -8.11 5.52
CA PRO B 119 14.37 -7.24 4.34
C PRO B 119 13.08 -7.28 3.51
N TRP B 120 12.90 -6.25 2.69
CA TRP B 120 11.73 -6.15 1.79
C TRP B 120 11.67 -7.39 0.91
N LYS B 121 10.54 -8.11 0.88
CA LYS B 121 10.41 -9.40 0.13
C LYS B 121 9.61 -9.25 -1.17
N LEU B 122 8.83 -8.19 -1.38
CA LEU B 122 7.87 -8.08 -2.52
C LEU B 122 8.64 -7.61 -3.75
N ASP B 123 8.78 -8.44 -4.78
CA ASP B 123 9.62 -8.11 -5.96
C ASP B 123 8.83 -8.20 -7.28
N ALA B 124 7.52 -8.51 -7.29
CA ALA B 124 6.77 -8.54 -8.57
C ALA B 124 6.51 -7.11 -9.02
N ALA B 125 6.37 -6.90 -10.33
CA ALA B 125 6.18 -5.59 -10.98
C ALA B 125 4.96 -5.61 -11.89
N TRP B 126 4.23 -4.49 -12.01
CA TRP B 126 3.19 -4.23 -13.05
C TRP B 126 3.81 -4.47 -14.42
N ASP B 127 3.11 -5.15 -15.33
CA ASP B 127 3.64 -5.48 -16.69
C ASP B 127 3.56 -4.23 -17.60
N GLY B 128 2.88 -3.16 -17.16
CA GLY B 128 2.65 -1.90 -17.90
C GLY B 128 1.45 -1.99 -18.83
N LEU B 129 0.75 -3.13 -18.85
CA LEU B 129 -0.31 -3.46 -19.84
C LEU B 129 -1.64 -3.79 -19.17
N SER B 130 -1.64 -4.70 -18.20
CA SER B 130 -2.85 -5.42 -17.70
C SER B 130 -3.55 -4.67 -16.58
N GLU B 131 -4.83 -4.99 -16.38
CA GLU B 131 -5.62 -4.60 -15.19
C GLU B 131 -4.97 -5.28 -13.95
N VAL B 132 -5.15 -4.62 -12.82
CA VAL B 132 -4.64 -5.07 -11.50
C VAL B 132 -5.83 -5.05 -10.55
N GLN B 133 -5.64 -5.54 -9.32
CA GLN B 133 -6.65 -5.35 -8.26
C GLN B 133 -6.03 -4.64 -7.06
N LEU B 134 -6.67 -3.55 -6.61
CA LEU B 134 -6.46 -3.00 -5.25
C LEU B 134 -7.21 -3.89 -4.25
N LEU B 135 -6.51 -4.52 -3.34
CA LEU B 135 -7.13 -5.20 -2.18
C LEU B 135 -7.22 -4.12 -1.09
N ALA B 136 -8.22 -3.26 -1.22
CA ALA B 136 -8.46 -2.14 -0.28
C ALA B 136 -8.91 -2.71 1.06
N VAL B 137 -8.34 -2.18 2.15
CA VAL B 137 -8.81 -2.47 3.53
C VAL B 137 -9.15 -1.14 4.18
N PRO B 138 -10.39 -0.61 3.97
CA PRO B 138 -10.80 0.68 4.50
C PRO B 138 -11.10 0.62 6.00
N PRO B 139 -10.89 1.73 6.74
CA PRO B 139 -11.20 1.76 8.16
C PRO B 139 -12.64 1.30 8.45
N GLY B 140 -12.80 0.36 9.38
CA GLY B 140 -14.11 -0.08 9.87
C GLY B 140 -14.90 -0.85 8.84
N GLU B 141 -14.31 -1.22 7.70
CA GLU B 141 -15.03 -1.89 6.59
C GLU B 141 -14.23 -3.11 6.15
N ARG B 142 -14.89 -4.11 5.57
CA ARG B 142 -14.28 -5.39 5.14
C ARG B 142 -13.25 -5.13 4.05
N ALA B 143 -12.29 -6.06 3.89
CA ALA B 143 -11.34 -6.04 2.76
C ALA B 143 -12.11 -6.26 1.46
N LYS B 144 -11.80 -5.54 0.39
CA LYS B 144 -12.60 -5.57 -0.86
C LYS B 144 -11.68 -5.39 -2.07
N ASN B 145 -11.75 -6.31 -3.04
CA ASN B 145 -10.92 -6.28 -4.26
C ASN B 145 -11.56 -5.30 -5.26
N ILE B 146 -10.82 -4.30 -5.72
CA ILE B 146 -11.26 -3.35 -6.79
C ILE B 146 -10.35 -3.50 -8.00
N GLN B 147 -10.91 -3.85 -9.16
CA GLN B 147 -10.09 -4.08 -10.37
C GLN B 147 -10.02 -2.78 -11.16
N THR B 148 -8.83 -2.42 -11.66
CA THR B 148 -8.59 -1.13 -12.37
C THR B 148 -7.42 -1.24 -13.36
N LEU B 149 -7.40 -0.41 -14.40
CA LEU B 149 -6.20 -0.25 -15.25
C LEU B 149 -5.43 0.96 -14.72
N PRO B 150 -4.19 0.73 -14.23
CA PRO B 150 -3.35 1.83 -13.76
C PRO B 150 -3.10 2.86 -14.87
N GLY B 151 -2.99 4.12 -14.45
CA GLY B 151 -2.36 5.19 -15.24
C GLY B 151 -0.86 5.16 -14.98
N ILE B 152 -0.20 6.29 -15.23
CA ILE B 152 1.28 6.47 -15.14
C ILE B 152 1.60 7.79 -14.44
N PHE B 153 2.57 7.76 -13.54
CA PHE B 153 3.33 8.95 -13.10
C PHE B 153 4.60 9.05 -13.95
N LYS B 154 4.74 10.06 -14.81
CA LYS B 154 6.00 10.38 -15.53
C LYS B 154 6.85 11.31 -14.65
N THR B 155 8.05 10.83 -14.29
CA THR B 155 9.04 11.55 -13.45
C THR B 155 10.34 11.66 -14.25
N LYS B 156 11.23 12.55 -13.82
CA LYS B 156 12.55 12.78 -14.48
C LYS B 156 13.37 11.49 -14.47
N ASP B 157 13.04 10.57 -13.55
CA ASP B 157 13.80 9.32 -13.28
C ASP B 157 13.05 8.09 -13.79
N GLY B 158 11.97 8.26 -14.58
CA GLY B 158 11.25 7.13 -15.19
C GLY B 158 9.78 7.06 -14.80
N ASP B 159 9.07 6.10 -15.37
CA ASP B 159 7.59 5.96 -15.26
C ASP B 159 7.27 4.91 -14.19
N ILE B 160 6.28 5.19 -13.34
CA ILE B 160 5.71 4.26 -12.31
C ILE B 160 4.22 4.08 -12.63
N GLY B 161 3.64 2.93 -12.34
CA GLY B 161 2.18 2.73 -12.42
C GLY B 161 1.48 3.67 -11.45
N ALA B 162 0.22 4.01 -11.72
N ALA B 162 0.22 4.00 -11.70
CA ALA B 162 -0.63 4.83 -10.82
CA ALA B 162 -0.62 4.84 -10.80
C ALA B 162 -2.05 4.25 -10.78
C ALA B 162 -2.05 4.31 -10.77
N VAL B 163 -2.62 4.12 -9.58
CA VAL B 163 -4.05 3.69 -9.43
C VAL B 163 -4.93 4.88 -8.99
N ALA B 164 -5.97 5.20 -9.76
CA ALA B 164 -6.87 6.32 -9.47
C ALA B 164 -8.13 5.80 -8.77
N LEU B 165 -8.06 5.57 -7.45
CA LEU B 165 -9.22 5.14 -6.63
C LEU B 165 -9.26 5.96 -5.33
N ASP B 166 -10.42 6.47 -4.96
CA ASP B 166 -10.63 7.33 -3.77
C ASP B 166 -10.94 6.50 -2.51
N TYR B 167 -9.99 6.32 -1.61
CA TYR B 167 -10.28 5.79 -0.25
C TYR B 167 -9.73 6.70 0.85
N PRO B 168 -10.22 6.55 2.09
CA PRO B 168 -9.68 7.27 3.24
C PRO B 168 -8.15 7.03 3.41
N ALA B 169 -7.44 7.99 3.99
CA ALA B 169 -5.99 7.93 4.27
C ALA B 169 -5.62 6.65 5.04
N GLY B 170 -6.48 6.20 5.94
CA GLY B 170 -6.29 4.97 6.73
C GLY B 170 -6.17 3.71 5.88
N THR B 171 -6.36 3.83 4.56
CA THR B 171 -6.25 2.70 3.60
C THR B 171 -4.79 2.60 3.09
N SER B 172 -3.88 3.54 3.45
CA SER B 172 -2.47 3.57 2.96
C SER B 172 -1.81 2.24 3.33
N GLY B 173 -1.17 1.59 2.38
CA GLY B 173 -0.47 0.31 2.58
C GLY B 173 -1.24 -0.88 2.04
N SER B 174 -2.46 -0.65 1.53
CA SER B 174 -3.27 -1.70 0.86
C SER B 174 -2.45 -2.20 -0.34
N PRO B 175 -2.29 -3.54 -0.49
CA PRO B 175 -1.53 -4.11 -1.58
C PRO B 175 -2.26 -4.10 -2.93
N ILE B 176 -1.47 -3.97 -4.01
CA ILE B 176 -1.93 -4.06 -5.43
C ILE B 176 -1.43 -5.40 -6.00
N LEU B 177 -2.31 -6.12 -6.71
CA LEU B 177 -2.10 -7.52 -7.15
CA LEU B 177 -2.11 -7.53 -7.14
C LEU B 177 -2.05 -7.64 -8.68
N ASP B 178 -1.22 -8.57 -9.19
CA ASP B 178 -1.29 -9.01 -10.60
C ASP B 178 -2.22 -10.22 -10.65
N LYS B 179 -2.49 -10.73 -11.86
CA LYS B 179 -3.52 -11.78 -12.10
C LYS B 179 -3.10 -13.10 -11.44
N CYS B 180 -1.80 -13.27 -11.11
CA CYS B 180 -1.28 -14.47 -10.41
C CYS B 180 -1.39 -14.28 -8.88
N GLY B 181 -1.95 -13.18 -8.42
CA GLY B 181 -2.08 -12.88 -6.99
C GLY B 181 -0.81 -12.28 -6.39
N ARG B 182 0.23 -11.99 -7.16
CA ARG B 182 1.52 -11.49 -6.61
C ARG B 182 1.42 -9.99 -6.28
N VAL B 183 2.04 -9.57 -5.19
CA VAL B 183 2.01 -8.14 -4.78
C VAL B 183 3.03 -7.34 -5.61
N ILE B 184 2.53 -6.37 -6.38
CA ILE B 184 3.31 -5.53 -7.33
C ILE B 184 3.56 -4.15 -6.71
N GLY B 185 2.94 -3.87 -5.56
CA GLY B 185 3.28 -2.67 -4.78
C GLY B 185 2.19 -2.31 -3.80
N LEU B 186 2.37 -1.22 -3.08
CA LEU B 186 1.40 -0.75 -2.07
C LEU B 186 0.81 0.56 -2.55
N TYR B 187 -0.49 0.72 -2.28
CA TYR B 187 -1.32 1.91 -2.55
C TYR B 187 -1.28 2.80 -1.31
N GLY B 188 -1.16 4.11 -1.47
CA GLY B 188 -1.30 5.02 -0.31
C GLY B 188 -0.26 6.11 -0.23
N ASN B 189 0.59 6.27 -1.27
CA ASN B 189 1.36 7.53 -1.40
C ASN B 189 1.11 8.11 -2.79
N GLY B 190 0.58 9.32 -2.83
CA GLY B 190 0.23 9.93 -4.12
C GLY B 190 -0.16 11.38 -4.00
N VAL B 191 -1.10 11.80 -4.86
CA VAL B 191 -1.44 13.22 -5.08
C VAL B 191 -2.97 13.40 -5.12
N VAL B 192 -3.45 14.57 -4.75
CA VAL B 192 -4.87 15.01 -4.89
C VAL B 192 -4.94 15.77 -6.22
N ILE B 193 -5.79 15.36 -7.16
CA ILE B 193 -5.84 16.02 -8.50
C ILE B 193 -7.00 17.01 -8.50
N LYS B 194 -7.16 17.75 -9.61
CA LYS B 194 -8.15 18.84 -9.85
C LYS B 194 -9.46 18.58 -9.08
N ASN B 195 -10.12 17.46 -9.41
CA ASN B 195 -11.45 17.04 -8.88
C ASN B 195 -11.53 17.27 -7.37
N GLY B 196 -10.49 16.85 -6.64
CA GLY B 196 -10.48 16.58 -5.19
C GLY B 196 -10.23 15.11 -4.92
N SER B 197 -10.07 14.32 -5.99
CA SER B 197 -9.83 12.84 -5.93
C SER B 197 -8.34 12.53 -5.79
N TYR B 198 -8.06 11.27 -5.48
CA TYR B 198 -6.72 10.79 -5.08
C TYR B 198 -6.18 9.89 -6.17
N VAL B 199 -4.89 10.03 -6.47
CA VAL B 199 -4.17 9.09 -7.36
C VAL B 199 -2.90 8.67 -6.64
N SER B 200 -2.75 7.37 -6.42
CA SER B 200 -1.61 6.73 -5.72
C SER B 200 -0.57 6.21 -6.73
N ALA B 201 0.73 6.37 -6.42
CA ALA B 201 1.82 5.60 -7.07
C ALA B 201 1.52 4.14 -6.80
N ILE B 202 1.99 3.26 -7.68
CA ILE B 202 2.28 1.85 -7.34
C ILE B 202 3.70 1.83 -6.77
N THR B 203 3.82 1.85 -5.45
CA THR B 203 5.14 1.93 -4.72
C THR B 203 5.61 0.50 -4.43
N GLN B 204 6.69 0.07 -5.09
CA GLN B 204 7.34 -1.24 -4.89
C GLN B 204 8.76 -1.01 -4.35
N GLY B 205 9.21 -1.81 -3.39
CA GLY B 205 10.59 -1.76 -2.88
C GLY B 205 11.51 -2.63 -3.72
N LYS B 206 12.79 -2.69 -3.35
CA LYS B 206 13.83 -3.53 -4.01
C LYS B 206 14.07 -4.77 -3.13
N ARG B 207 14.13 -5.97 -3.71
CA ARG B 207 14.48 -7.24 -3.01
C ARG B 207 15.89 -7.67 -3.45
#